data_2LR9
#
_entry.id   2LR9
#
_entity_poly.entity_id   1
_entity_poly.type   'polypeptide(L)'
_entity_poly.pdbx_seq_one_letter_code
;FNWRCCLIPACRRNHKKFC(NH2)
;
_entity_poly.pdbx_strand_id   A
#
# COMPACT_ATOMS: atom_id res chain seq x y z
N PHE A 1 6.79 5.68 -5.98
CA PHE A 1 5.79 5.05 -5.09
C PHE A 1 6.46 3.98 -4.24
N ASN A 2 6.02 3.85 -2.99
CA ASN A 2 6.58 2.87 -2.08
C ASN A 2 5.79 1.57 -2.16
N TRP A 3 6.28 0.62 -2.95
CA TRP A 3 5.62 -0.66 -3.12
C TRP A 3 5.53 -1.42 -1.80
N ARG A 4 6.40 -1.06 -0.86
CA ARG A 4 6.43 -1.69 0.45
C ARG A 4 5.14 -1.43 1.20
N CYS A 5 4.47 -0.37 0.81
CA CYS A 5 3.20 -0.01 1.41
C CYS A 5 2.19 -1.12 1.21
N CYS A 6 2.30 -1.82 0.09
CA CYS A 6 1.39 -2.91 -0.22
C CYS A 6 1.63 -4.10 0.69
N LEU A 7 2.75 -4.08 1.39
CA LEU A 7 3.08 -5.15 2.32
C LEU A 7 2.65 -4.75 3.73
N ILE A 8 2.33 -3.48 3.87
CA ILE A 8 1.90 -2.92 5.15
C ILE A 8 0.42 -2.58 5.08
N PRO A 9 -0.42 -3.35 5.80
CA PRO A 9 -1.88 -3.16 5.83
C PRO A 9 -2.31 -1.71 6.01
N ALA A 10 -1.56 -0.96 6.81
CA ALA A 10 -1.88 0.44 7.07
C ALA A 10 -1.69 1.31 5.83
N CYS A 11 -0.67 1.02 5.04
CA CYS A 11 -0.40 1.83 3.85
C CYS A 11 -1.14 1.25 2.65
N ARG A 12 -1.31 -0.06 2.63
CA ARG A 12 -2.01 -0.75 1.55
C ARG A 12 -3.49 -0.36 1.55
N ARG A 13 -3.99 -0.06 2.73
CA ARG A 13 -5.38 0.35 2.90
C ARG A 13 -5.64 1.68 2.18
N ASN A 14 -4.65 2.55 2.19
CA ASN A 14 -4.76 3.86 1.55
C ASN A 14 -4.34 3.78 0.10
N HIS A 15 -3.46 2.83 -0.22
CA HIS A 15 -2.96 2.69 -1.57
C HIS A 15 -3.49 1.41 -2.21
N LYS A 16 -4.74 1.07 -1.90
CA LYS A 16 -5.37 -0.12 -2.42
C LYS A 16 -5.56 -0.03 -3.94
N LYS A 17 -5.59 1.19 -4.44
CA LYS A 17 -5.75 1.42 -5.87
C LYS A 17 -4.46 1.10 -6.62
N PHE A 18 -3.35 1.40 -5.98
CA PHE A 18 -2.04 1.16 -6.59
C PHE A 18 -1.67 -0.31 -6.47
N CYS A 19 -1.88 -0.88 -5.30
CA CYS A 19 -1.56 -2.28 -5.06
C CYS A 19 -2.77 -3.16 -5.39
N PHE A 1 6.88 5.34 -6.25
CA PHE A 1 5.86 4.81 -5.32
C PHE A 1 6.49 3.83 -4.34
N ASN A 2 6.02 3.81 -3.11
CA ASN A 2 6.54 2.90 -2.10
C ASN A 2 5.79 1.58 -2.13
N TRP A 3 6.34 0.62 -2.86
CA TRP A 3 5.72 -0.70 -3.00
C TRP A 3 5.59 -1.40 -1.64
N ARG A 4 6.44 -0.99 -0.69
CA ARG A 4 6.42 -1.57 0.63
C ARG A 4 5.10 -1.32 1.33
N CYS A 5 4.43 -0.27 0.90
CA CYS A 5 3.13 0.08 1.45
C CYS A 5 2.14 -1.04 1.23
N CYS A 6 2.30 -1.75 0.12
CA CYS A 6 1.40 -2.84 -0.23
C CYS A 6 1.67 -4.05 0.65
N LEU A 7 2.78 -4.01 1.36
CA LEU A 7 3.15 -5.09 2.27
C LEU A 7 2.81 -4.69 3.69
N ILE A 8 2.29 -3.48 3.83
CA ILE A 8 1.89 -2.94 5.13
C ILE A 8 0.41 -2.60 5.10
N PRO A 9 -0.42 -3.41 5.79
CA PRO A 9 -1.87 -3.23 5.84
C PRO A 9 -2.33 -1.78 6.05
N ALA A 10 -1.56 -1.02 6.82
CA ALA A 10 -1.90 0.37 7.10
C ALA A 10 -1.74 1.26 5.87
N CYS A 11 -0.70 1.02 5.08
CA CYS A 11 -0.45 1.82 3.89
C CYS A 11 -1.16 1.22 2.67
N ARG A 12 -1.31 -0.10 2.67
CA ARG A 12 -1.97 -0.81 1.58
C ARG A 12 -3.43 -0.41 1.50
N ARG A 13 -4.02 -0.16 2.66
CA ARG A 13 -5.42 0.25 2.75
C ARG A 13 -5.63 1.61 2.10
N ASN A 14 -4.60 2.45 2.16
CA ASN A 14 -4.68 3.79 1.59
C ASN A 14 -4.26 3.77 0.12
N HIS A 15 -3.42 2.82 -0.24
CA HIS A 15 -2.95 2.70 -1.62
C HIS A 15 -3.49 1.43 -2.26
N LYS A 16 -4.72 1.09 -1.89
CA LYS A 16 -5.36 -0.12 -2.42
C LYS A 16 -5.62 0.02 -3.92
N LYS A 17 -5.65 1.25 -4.40
CA LYS A 17 -5.87 1.50 -5.81
C LYS A 17 -4.59 1.26 -6.62
N PHE A 18 -3.46 1.44 -5.96
CA PHE A 18 -2.18 1.24 -6.62
C PHE A 18 -1.73 -0.22 -6.49
N CYS A 19 -1.92 -0.78 -5.30
CA CYS A 19 -1.52 -2.17 -5.07
C CYS A 19 -2.68 -3.11 -5.39
N PHE A 1 6.05 4.85 -6.71
CA PHE A 1 5.42 4.90 -5.38
C PHE A 1 6.09 3.89 -4.45
N ASN A 2 5.67 3.87 -3.19
CA ASN A 2 6.25 2.96 -2.21
C ASN A 2 5.48 1.65 -2.21
N TRP A 3 5.97 0.69 -2.99
CA TRP A 3 5.34 -0.63 -3.10
C TRP A 3 5.35 -1.35 -1.75
N ARG A 4 6.25 -0.91 -0.87
CA ARG A 4 6.37 -1.50 0.45
C ARG A 4 5.09 -1.30 1.25
N CYS A 5 4.36 -0.26 0.89
CA CYS A 5 3.10 0.06 1.53
C CYS A 5 2.12 -1.09 1.36
N CYS A 6 2.24 -1.78 0.24
CA CYS A 6 1.35 -2.90 -0.07
C CYS A 6 1.65 -4.10 0.83
N LEU A 7 2.78 -4.06 1.50
CA LEU A 7 3.17 -5.13 2.41
C LEU A 7 2.77 -4.75 3.82
N ILE A 8 2.32 -3.51 3.98
CA ILE A 8 1.89 -2.99 5.26
C ILE A 8 0.39 -2.69 5.22
N PRO A 9 -0.42 -3.47 5.95
CA PRO A 9 -1.88 -3.31 5.99
C PRO A 9 -2.33 -1.86 6.25
N ALA A 10 -1.51 -1.11 6.96
CA ALA A 10 -1.82 0.27 7.28
C ALA A 10 -1.69 1.18 6.05
N CYS A 11 -0.72 0.89 5.20
CA CYS A 11 -0.48 1.71 4.02
C CYS A 11 -1.17 1.13 2.78
N ARG A 12 -1.33 -0.19 2.77
CA ARG A 12 -1.97 -0.89 1.66
C ARG A 12 -3.42 -0.42 1.48
N ARG A 13 -4.07 -0.19 2.61
CA ARG A 13 -5.46 0.26 2.60
C ARG A 13 -5.59 1.66 2.01
N ASN A 14 -4.53 2.45 2.10
CA ASN A 14 -4.53 3.81 1.59
C ASN A 14 -4.09 3.84 0.13
N HIS A 15 -3.28 2.87 -0.25
CA HIS A 15 -2.78 2.80 -1.62
C HIS A 15 -3.32 1.56 -2.31
N LYS A 16 -4.56 1.21 -1.99
CA LYS A 16 -5.21 0.04 -2.57
C LYS A 16 -5.37 0.18 -4.08
N LYS A 17 -5.33 1.42 -4.55
CA LYS A 17 -5.46 1.70 -5.97
C LYS A 17 -4.17 1.40 -6.70
N PHE A 18 -3.06 1.50 -5.99
CA PHE A 18 -1.75 1.24 -6.57
C PHE A 18 -1.41 -0.24 -6.47
N CYS A 19 -1.70 -0.82 -5.31
CA CYS A 19 -1.43 -2.22 -5.09
C CYS A 19 -2.63 -3.08 -5.48
N PHE A 1 6.92 5.51 -6.13
CA PHE A 1 5.88 4.94 -5.26
C PHE A 1 6.51 3.94 -4.29
N ASN A 2 6.00 3.90 -3.07
CA ASN A 2 6.53 2.98 -2.06
C ASN A 2 5.79 1.65 -2.12
N TRP A 3 6.33 0.71 -2.88
CA TRP A 3 5.73 -0.61 -3.05
C TRP A 3 5.63 -1.34 -1.71
N ARG A 4 6.47 -0.94 -0.77
CA ARG A 4 6.49 -1.56 0.56
C ARG A 4 5.17 -1.33 1.28
N CYS A 5 4.50 -0.28 0.88
CA CYS A 5 3.20 0.05 1.46
C CYS A 5 2.21 -1.07 1.19
N CYS A 6 2.38 -1.74 0.06
CA CYS A 6 1.49 -2.83 -0.32
C CYS A 6 1.71 -4.05 0.57
N LEU A 7 2.81 -4.03 1.31
CA LEU A 7 3.14 -5.12 2.21
C LEU A 7 2.71 -4.75 3.63
N ILE A 8 2.19 -3.55 3.78
CA ILE A 8 1.74 -3.04 5.06
C ILE A 8 0.25 -2.73 5.01
N PRO A 9 -0.58 -3.52 5.73
CA PRO A 9 -2.04 -3.35 5.77
C PRO A 9 -2.48 -1.95 6.18
N ALA A 10 -1.56 -1.15 6.69
CA ALA A 10 -1.87 0.21 7.11
C ALA A 10 -1.67 1.19 5.96
N CYS A 11 -0.68 0.91 5.10
CA CYS A 11 -0.40 1.80 3.98
C CYS A 11 -1.13 1.32 2.72
N ARG A 12 -1.29 0.01 2.60
CA ARG A 12 -1.98 -0.57 1.46
C ARG A 12 -3.45 -0.22 1.51
N ARG A 13 -3.92 0.10 2.70
CA ARG A 13 -5.31 0.48 2.90
C ARG A 13 -5.63 1.76 2.15
N ASN A 14 -4.67 2.66 2.14
CA ASN A 14 -4.83 3.95 1.45
C ASN A 14 -4.36 3.85 0.00
N HIS A 15 -3.44 2.93 -0.25
CA HIS A 15 -2.89 2.75 -1.59
C HIS A 15 -3.41 1.47 -2.23
N LYS A 16 -4.63 1.10 -1.87
CA LYS A 16 -5.26 -0.11 -2.39
C LYS A 16 -5.57 0.02 -3.88
N LYS A 17 -5.54 1.25 -4.38
CA LYS A 17 -5.82 1.51 -5.77
C LYS A 17 -4.61 1.18 -6.63
N PHE A 18 -3.45 1.21 -6.01
CA PHE A 18 -2.21 0.90 -6.69
C PHE A 18 -1.82 -0.55 -6.46
N CYS A 19 -1.96 -0.99 -5.22
CA CYS A 19 -1.60 -2.36 -4.87
C CYS A 19 -2.80 -3.28 -4.99
N PHE A 1 5.54 4.81 -6.66
CA PHE A 1 5.08 4.79 -5.26
C PHE A 1 5.92 3.81 -4.46
N ASN A 2 5.68 3.74 -3.15
CA ASN A 2 6.42 2.82 -2.29
C ASN A 2 5.72 1.47 -2.23
N TRP A 3 6.29 0.49 -2.92
CA TRP A 3 5.72 -0.85 -2.98
C TRP A 3 5.66 -1.50 -1.60
N ARG A 4 6.47 -1.01 -0.67
CA ARG A 4 6.49 -1.55 0.68
C ARG A 4 5.15 -1.34 1.36
N CYS A 5 4.46 -0.32 0.93
CA CYS A 5 3.14 0.01 1.47
C CYS A 5 2.17 -1.13 1.18
N CYS A 6 2.41 -1.82 0.08
CA CYS A 6 1.56 -2.93 -0.32
C CYS A 6 1.76 -4.13 0.59
N LEU A 7 2.86 -4.10 1.34
CA LEU A 7 3.18 -5.17 2.28
C LEU A 7 2.78 -4.75 3.69
N ILE A 8 2.23 -3.54 3.79
CA ILE A 8 1.80 -2.99 5.06
C ILE A 8 0.31 -2.67 5.01
N PRO A 9 -0.52 -3.47 5.70
CA PRO A 9 -1.98 -3.30 5.73
C PRO A 9 -2.42 -1.88 6.12
N ALA A 10 -1.52 -1.13 6.75
CA ALA A 10 -1.82 0.23 7.17
C ALA A 10 -1.67 1.21 6.01
N CYS A 11 -0.69 0.96 5.14
CA CYS A 11 -0.45 1.84 4.01
C CYS A 11 -1.22 1.38 2.78
N ARG A 12 -1.33 0.06 2.62
CA ARG A 12 -2.04 -0.50 1.47
C ARG A 12 -3.53 -0.20 1.57
N ARG A 13 -3.97 0.12 2.76
CA ARG A 13 -5.37 0.46 3.00
C ARG A 13 -5.76 1.69 2.18
N ASN A 14 -4.85 2.65 2.11
CA ASN A 14 -5.09 3.88 1.36
C ASN A 14 -4.46 3.76 -0.03
N HIS A 15 -3.48 2.87 -0.15
CA HIS A 15 -2.79 2.67 -1.42
C HIS A 15 -3.30 1.41 -2.11
N LYS A 16 -4.57 1.10 -1.86
CA LYS A 16 -5.20 -0.08 -2.45
C LYS A 16 -5.36 0.05 -3.95
N LYS A 17 -5.33 1.29 -4.43
CA LYS A 17 -5.47 1.53 -5.86
C LYS A 17 -4.17 1.23 -6.57
N PHE A 18 -3.08 1.62 -5.94
CA PHE A 18 -1.76 1.39 -6.49
C PHE A 18 -1.38 -0.08 -6.40
N CYS A 19 -1.58 -0.66 -5.22
CA CYS A 19 -1.25 -2.06 -4.99
C CYS A 19 -2.45 -2.96 -5.26
N PHE A 1 8.43 4.95 -6.06
CA PHE A 1 7.11 4.73 -5.42
C PHE A 1 7.28 3.85 -4.18
N ASN A 2 6.43 4.05 -3.19
CA ASN A 2 6.49 3.28 -1.95
C ASN A 2 5.59 2.05 -2.04
N TRP A 3 5.94 1.14 -2.94
CA TRP A 3 5.17 -0.09 -3.14
C TRP A 3 5.16 -0.94 -1.87
N ARG A 4 6.13 -0.67 -1.00
CA ARG A 4 6.26 -1.39 0.26
C ARG A 4 5.03 -1.18 1.13
N CYS A 5 4.34 -0.09 0.87
CA CYS A 5 3.13 0.24 1.60
C CYS A 5 2.10 -0.88 1.43
N CYS A 6 2.11 -1.51 0.27
CA CYS A 6 1.15 -2.57 -0.01
C CYS A 6 1.50 -3.84 0.75
N LEU A 7 2.64 -3.84 1.41
CA LEU A 7 3.07 -4.97 2.22
C LEU A 7 2.70 -4.70 3.68
N ILE A 8 2.30 -3.46 3.93
CA ILE A 8 1.90 -3.03 5.26
C ILE A 8 0.41 -2.69 5.25
N PRO A 9 -0.42 -3.53 5.91
CA PRO A 9 -1.88 -3.36 5.96
C PRO A 9 -2.34 -1.91 6.19
N ALA A 10 -1.60 -1.18 7.00
CA ALA A 10 -1.94 0.21 7.30
C ALA A 10 -1.77 1.12 6.08
N CYS A 11 -0.71 0.91 5.32
CA CYS A 11 -0.45 1.73 4.14
C CYS A 11 -1.11 1.12 2.90
N ARG A 12 -1.34 -0.19 2.96
CA ARG A 12 -1.98 -0.92 1.86
C ARG A 12 -3.40 -0.45 1.68
N ARG A 13 -4.02 -0.08 2.80
CA ARG A 13 -5.39 0.41 2.81
C ARG A 13 -5.51 1.70 1.99
N ASN A 14 -4.44 2.49 1.99
CA ASN A 14 -4.42 3.76 1.25
C ASN A 14 -3.92 3.53 -0.17
N HIS A 15 -3.10 2.50 -0.35
CA HIS A 15 -2.55 2.20 -1.66
C HIS A 15 -3.24 1.00 -2.28
N LYS A 16 -4.48 0.80 -1.87
CA LYS A 16 -5.29 -0.32 -2.35
C LYS A 16 -5.68 -0.11 -3.81
N LYS A 17 -5.66 1.14 -4.26
CA LYS A 17 -6.01 1.46 -5.63
C LYS A 17 -4.88 1.07 -6.57
N PHE A 18 -3.68 1.44 -6.19
CA PHE A 18 -2.50 1.13 -6.97
C PHE A 18 -2.25 -0.37 -6.97
N CYS A 19 -2.23 -0.95 -5.78
CA CYS A 19 -1.99 -2.38 -5.64
C CYS A 19 -3.30 -3.16 -5.66
N PHE A 1 6.84 5.65 -5.99
CA PHE A 1 5.83 5.04 -5.11
C PHE A 1 6.49 4.01 -4.20
N ASN A 2 6.00 3.92 -2.97
CA ASN A 2 6.55 2.97 -2.01
C ASN A 2 5.78 1.65 -2.08
N TRP A 3 6.29 0.73 -2.89
CA TRP A 3 5.66 -0.58 -3.07
C TRP A 3 5.58 -1.35 -1.76
N ARG A 4 6.43 -0.96 -0.81
CA ARG A 4 6.47 -1.62 0.49
C ARG A 4 5.15 -1.43 1.22
N CYS A 5 4.46 -0.37 0.87
CA CYS A 5 3.17 -0.06 1.46
C CYS A 5 2.18 -1.19 1.18
N CYS A 6 2.36 -1.86 0.05
CA CYS A 6 1.47 -2.94 -0.34
C CYS A 6 1.69 -4.16 0.55
N LEU A 7 2.79 -4.17 1.26
CA LEU A 7 3.10 -5.26 2.18
C LEU A 7 2.70 -4.87 3.60
N ILE A 8 2.25 -3.63 3.73
CA ILE A 8 1.83 -3.09 5.01
C ILE A 8 0.37 -2.65 4.95
N PRO A 9 -0.53 -3.45 5.57
CA PRO A 9 -1.97 -3.18 5.59
C PRO A 9 -2.32 -1.73 5.92
N ALA A 10 -1.54 -1.11 6.79
CA ALA A 10 -1.78 0.27 7.20
C ALA A 10 -1.58 1.26 6.04
N CYS A 11 -0.58 1.01 5.20
CA CYS A 11 -0.29 1.90 4.08
C CYS A 11 -1.08 1.47 2.84
N ARG A 12 -1.24 0.16 2.68
CA ARG A 12 -1.97 -0.40 1.55
C ARG A 12 -3.44 -0.04 1.62
N ARG A 13 -3.93 0.18 2.83
CA ARG A 13 -5.31 0.56 3.06
C ARG A 13 -5.69 1.79 2.23
N ASN A 14 -4.78 2.75 2.16
CA ASN A 14 -5.00 3.98 1.40
C ASN A 14 -4.25 3.95 0.08
N HIS A 15 -3.75 2.78 -0.28
CA HIS A 15 -3.01 2.61 -1.52
C HIS A 15 -3.52 1.36 -2.25
N LYS A 16 -4.76 1.01 -1.96
CA LYS A 16 -5.39 -0.17 -2.55
C LYS A 16 -5.53 -0.04 -4.06
N LYS A 17 -5.60 1.19 -4.53
CA LYS A 17 -5.75 1.43 -5.96
C LYS A 17 -4.47 1.12 -6.71
N PHE A 18 -3.36 1.20 -6.00
CA PHE A 18 -2.07 0.91 -6.59
C PHE A 18 -1.73 -0.56 -6.41
N CYS A 19 -1.91 -1.04 -5.20
CA CYS A 19 -1.59 -2.42 -4.86
C CYS A 19 -2.81 -3.32 -5.02
N PHE A 1 6.80 5.60 -6.04
CA PHE A 1 5.81 4.99 -5.11
C PHE A 1 6.48 3.94 -4.24
N ASN A 2 6.05 3.83 -2.99
CA ASN A 2 6.60 2.86 -2.07
C ASN A 2 5.83 1.55 -2.14
N TRP A 3 6.36 0.60 -2.89
CA TRP A 3 5.71 -0.71 -3.06
C TRP A 3 5.58 -1.44 -1.73
N ARG A 4 6.44 -1.07 -0.78
CA ARG A 4 6.44 -1.69 0.54
C ARG A 4 5.13 -1.42 1.25
N CYS A 5 4.47 -0.36 0.85
CA CYS A 5 3.19 0.02 1.41
C CYS A 5 2.17 -1.09 1.20
N CYS A 6 2.31 -1.78 0.07
CA CYS A 6 1.38 -2.87 -0.26
C CYS A 6 1.60 -4.07 0.64
N LEU A 7 2.71 -4.07 1.35
CA LEU A 7 3.03 -5.14 2.28
C LEU A 7 2.65 -4.74 3.69
N ILE A 8 2.30 -3.47 3.83
CA ILE A 8 1.90 -2.91 5.12
C ILE A 8 0.43 -2.56 5.09
N PRO A 9 -0.40 -3.33 5.81
CA PRO A 9 -1.86 -3.15 5.86
C PRO A 9 -2.29 -1.69 6.04
N ALA A 10 -1.53 -0.94 6.83
CA ALA A 10 -1.85 0.46 7.09
C ALA A 10 -1.69 1.33 5.84
N CYS A 11 -0.65 1.05 5.05
CA CYS A 11 -0.40 1.84 3.85
C CYS A 11 -1.15 1.26 2.66
N ARG A 12 -1.30 -0.06 2.64
CA ARG A 12 -1.99 -0.75 1.56
C ARG A 12 -3.47 -0.38 1.54
N ARG A 13 -4.01 -0.10 2.71
CA ARG A 13 -5.41 0.27 2.84
C ARG A 13 -5.67 1.61 2.15
N ASN A 14 -4.69 2.50 2.17
CA ASN A 14 -4.82 3.81 1.55
C ASN A 14 -4.38 3.77 0.09
N HIS A 15 -3.48 2.85 -0.23
CA HIS A 15 -2.97 2.72 -1.59
C HIS A 15 -3.45 1.43 -2.23
N LYS A 16 -4.66 1.01 -1.89
CA LYS A 16 -5.22 -0.22 -2.44
C LYS A 16 -5.48 -0.06 -3.94
N LYS A 17 -5.59 1.17 -4.38
CA LYS A 17 -5.83 1.45 -5.80
C LYS A 17 -4.58 1.16 -6.60
N PHE A 18 -3.44 1.43 -6.00
CA PHE A 18 -2.16 1.20 -6.65
C PHE A 18 -1.74 -0.26 -6.51
N CYS A 19 -1.94 -0.82 -5.33
CA CYS A 19 -1.58 -2.21 -5.07
C CYS A 19 -2.76 -3.12 -5.37
N PHE A 1 7.02 5.50 -6.08
CA PHE A 1 5.97 4.94 -5.19
C PHE A 1 6.58 3.92 -4.25
N ASN A 2 6.08 3.87 -3.02
CA ASN A 2 6.59 2.93 -2.03
C ASN A 2 5.79 1.63 -2.11
N TRP A 3 6.29 0.69 -2.91
CA TRP A 3 5.62 -0.61 -3.08
C TRP A 3 5.53 -1.35 -1.75
N ARG A 4 6.39 -0.98 -0.82
CA ARG A 4 6.43 -1.61 0.49
C ARG A 4 5.12 -1.37 1.23
N CYS A 5 4.44 -0.32 0.85
CA CYS A 5 3.16 0.03 1.44
C CYS A 5 2.16 -1.10 1.22
N CYS A 6 2.30 -1.78 0.09
CA CYS A 6 1.39 -2.87 -0.24
C CYS A 6 1.62 -4.08 0.66
N LEU A 7 2.74 -4.06 1.37
CA LEU A 7 3.08 -5.13 2.30
C LEU A 7 2.64 -4.74 3.70
N ILE A 8 2.33 -3.47 3.86
CA ILE A 8 1.89 -2.94 5.14
C ILE A 8 0.41 -2.59 5.08
N PRO A 9 -0.44 -3.38 5.77
CA PRO A 9 -1.89 -3.20 5.79
C PRO A 9 -2.33 -1.75 6.00
N ALA A 10 -1.59 -1.02 6.80
CA ALA A 10 -1.91 0.38 7.09
C ALA A 10 -1.72 1.27 5.87
N CYS A 11 -0.69 1.02 5.08
CA CYS A 11 -0.43 1.83 3.90
C CYS A 11 -1.14 1.26 2.69
N ARG A 12 -1.30 -0.06 2.66
CA ARG A 12 -1.98 -0.74 1.57
C ARG A 12 -3.44 -0.35 1.54
N ARG A 13 -3.99 -0.07 2.71
CA ARG A 13 -5.38 0.32 2.83
C ARG A 13 -5.64 1.66 2.14
N ASN A 14 -4.62 2.52 2.16
CA ASN A 14 -4.73 3.85 1.54
C ASN A 14 -4.30 3.78 0.07
N HIS A 15 -3.43 2.83 -0.24
CA HIS A 15 -2.94 2.69 -1.60
C HIS A 15 -3.44 1.41 -2.24
N LYS A 16 -4.66 1.02 -1.88
CA LYS A 16 -5.26 -0.20 -2.42
C LYS A 16 -5.53 -0.05 -3.91
N LYS A 17 -5.62 1.18 -4.37
CA LYS A 17 -5.88 1.45 -5.78
C LYS A 17 -4.62 1.21 -6.60
N PHE A 18 -3.47 1.35 -5.96
CA PHE A 18 -2.20 1.14 -6.63
C PHE A 18 -1.78 -0.32 -6.50
N CYS A 19 -1.95 -0.87 -5.31
CA CYS A 19 -1.58 -2.25 -5.06
C CYS A 19 -2.76 -3.19 -5.35
N PHE A 1 7.16 5.70 -5.84
CA PHE A 1 6.11 5.06 -5.01
C PHE A 1 6.74 3.99 -4.13
N ASN A 2 6.26 3.87 -2.90
CA ASN A 2 6.76 2.87 -1.97
C ASN A 2 5.96 1.59 -2.10
N TRP A 3 6.47 0.64 -2.87
CA TRP A 3 5.81 -0.64 -3.09
C TRP A 3 5.66 -1.40 -1.78
N ARG A 4 6.49 -1.07 -0.81
CA ARG A 4 6.46 -1.71 0.49
C ARG A 4 5.13 -1.46 1.18
N CYS A 5 4.50 -0.37 0.80
CA CYS A 5 3.20 0.00 1.34
C CYS A 5 2.18 -1.10 1.07
N CYS A 6 2.36 -1.77 -0.06
CA CYS A 6 1.44 -2.83 -0.45
C CYS A 6 1.60 -4.06 0.45
N LEU A 7 2.69 -4.09 1.20
CA LEU A 7 2.96 -5.18 2.11
C LEU A 7 2.59 -4.77 3.54
N ILE A 8 2.14 -3.55 3.67
CA ILE A 8 1.75 -3.01 4.97
C ILE A 8 0.27 -2.63 4.97
N PRO A 9 -0.55 -3.36 5.74
CA PRO A 9 -2.00 -3.13 5.83
C PRO A 9 -2.36 -1.70 6.28
N ALA A 10 -1.37 -0.98 6.78
CA ALA A 10 -1.57 0.39 7.23
C ALA A 10 -1.43 1.37 6.06
N CYS A 11 -0.58 1.04 5.10
CA CYS A 11 -0.36 1.90 3.95
C CYS A 11 -1.17 1.44 2.75
N ARG A 12 -1.28 0.12 2.57
CA ARG A 12 -2.04 -0.44 1.47
C ARG A 12 -3.52 -0.14 1.63
N ARG A 13 -3.89 0.21 2.85
CA ARG A 13 -5.27 0.55 3.16
C ARG A 13 -5.78 1.64 2.23
N ASN A 14 -5.01 2.69 2.08
CA ASN A 14 -5.38 3.80 1.21
C ASN A 14 -4.72 3.65 -0.16
N HIS A 15 -3.71 2.80 -0.23
CA HIS A 15 -2.99 2.57 -1.49
C HIS A 15 -3.43 1.29 -2.15
N LYS A 16 -4.63 0.84 -1.79
CA LYS A 16 -5.20 -0.39 -2.33
C LYS A 16 -5.47 -0.25 -3.82
N LYS A 17 -5.61 0.99 -4.25
CA LYS A 17 -5.87 1.29 -5.66
C LYS A 17 -4.66 0.95 -6.52
N PHE A 18 -3.50 1.38 -6.05
CA PHE A 18 -2.25 1.13 -6.75
C PHE A 18 -1.83 -0.33 -6.58
N CYS A 19 -1.95 -0.83 -5.36
CA CYS A 19 -1.57 -2.21 -5.08
C CYS A 19 -2.77 -3.14 -5.24
N PHE A 1 6.61 5.79 -5.95
CA PHE A 1 5.61 5.09 -5.11
C PHE A 1 6.31 4.08 -4.22
N ASN A 2 5.83 3.93 -2.99
CA ASN A 2 6.40 2.98 -2.04
C ASN A 2 5.67 1.64 -2.12
N TRP A 3 6.25 0.72 -2.88
CA TRP A 3 5.66 -0.60 -3.06
C TRP A 3 5.56 -1.35 -1.73
N ARG A 4 6.40 -0.95 -0.78
CA ARG A 4 6.41 -1.58 0.53
C ARG A 4 5.08 -1.39 1.24
N CYS A 5 4.38 -0.35 0.86
CA CYS A 5 3.08 -0.04 1.44
C CYS A 5 2.11 -1.18 1.18
N CYS A 6 2.29 -1.85 0.05
CA CYS A 6 1.42 -2.96 -0.31
C CYS A 6 1.66 -4.17 0.59
N LEU A 7 2.79 -4.15 1.28
CA LEU A 7 3.14 -5.23 2.20
C LEU A 7 2.84 -4.80 3.62
N ILE A 8 2.25 -3.61 3.74
CA ILE A 8 1.88 -3.05 5.04
C ILE A 8 0.41 -2.66 5.01
N PRO A 9 -0.46 -3.47 5.63
CA PRO A 9 -1.91 -3.24 5.68
C PRO A 9 -2.30 -1.80 5.97
N ALA A 10 -1.53 -1.12 6.81
CA ALA A 10 -1.81 0.26 7.17
C ALA A 10 -1.64 1.21 5.98
N CYS A 11 -0.63 0.96 5.16
CA CYS A 11 -0.38 1.83 4.01
C CYS A 11 -1.13 1.33 2.77
N ARG A 12 -1.30 0.02 2.68
CA ARG A 12 -2.00 -0.58 1.54
C ARG A 12 -3.46 -0.18 1.54
N ARG A 13 -4.00 0.08 2.72
CA ARG A 13 -5.39 0.50 2.86
C ARG A 13 -5.64 1.81 2.12
N ASN A 14 -4.62 2.67 2.13
CA ASN A 14 -4.72 3.96 1.47
C ASN A 14 -4.24 3.87 0.02
N HIS A 15 -3.37 2.92 -0.24
CA HIS A 15 -2.83 2.75 -1.60
C HIS A 15 -3.38 1.49 -2.25
N LYS A 16 -4.64 1.20 -1.96
CA LYS A 16 -5.31 0.03 -2.51
C LYS A 16 -5.59 0.20 -4.00
N LYS A 17 -5.33 1.40 -4.51
CA LYS A 17 -5.54 1.68 -5.91
C LYS A 17 -4.37 1.19 -6.74
N PHE A 18 -3.21 1.10 -6.10
CA PHE A 18 -2.02 0.63 -6.78
C PHE A 18 -1.75 -0.83 -6.41
N CYS A 19 -1.94 -1.15 -5.14
CA CYS A 19 -1.70 -2.50 -4.66
C CYS A 19 -3.00 -3.31 -4.69
N PHE A 1 6.27 6.48 -5.18
CA PHE A 1 5.47 5.45 -4.49
C PHE A 1 6.39 4.36 -3.96
N ASN A 2 6.00 3.73 -2.85
CA ASN A 2 6.78 2.66 -2.26
C ASN A 2 5.98 1.37 -2.26
N TRP A 3 6.47 0.37 -3.01
CA TRP A 3 5.80 -0.92 -3.11
C TRP A 3 5.68 -1.61 -1.76
N ARG A 4 6.52 -1.21 -0.81
CA ARG A 4 6.51 -1.79 0.52
C ARG A 4 5.18 -1.54 1.21
N CYS A 5 4.52 -0.49 0.79
CA CYS A 5 3.22 -0.13 1.34
C CYS A 5 2.21 -1.23 1.10
N CYS A 6 2.39 -1.95 0.01
CA CYS A 6 1.48 -3.04 -0.35
C CYS A 6 1.66 -4.23 0.59
N LEU A 7 2.77 -4.22 1.31
CA LEU A 7 3.06 -5.29 2.27
C LEU A 7 2.72 -4.82 3.67
N ILE A 8 2.25 -3.58 3.75
CA ILE A 8 1.87 -2.97 5.02
C ILE A 8 0.40 -2.57 4.97
N PRO A 9 -0.46 -3.34 5.66
CA PRO A 9 -1.91 -3.09 5.70
C PRO A 9 -2.28 -1.64 5.97
N ALA A 10 -1.44 -0.95 6.74
CA ALA A 10 -1.69 0.44 7.09
C ALA A 10 -1.49 1.38 5.89
N CYS A 11 -0.50 1.08 5.05
CA CYS A 11 -0.22 1.92 3.89
C CYS A 11 -1.03 1.46 2.69
N ARG A 12 -1.22 0.14 2.58
CA ARG A 12 -1.97 -0.43 1.48
C ARG A 12 -3.44 -0.06 1.59
N ARG A 13 -3.86 0.26 2.81
CA ARG A 13 -5.24 0.65 3.08
C ARG A 13 -5.65 1.84 2.21
N ASN A 14 -4.75 2.82 2.10
CA ASN A 14 -5.02 4.01 1.31
C ASN A 14 -4.52 3.81 -0.12
N HIS A 15 -3.61 2.87 -0.31
CA HIS A 15 -3.05 2.61 -1.62
C HIS A 15 -3.62 1.33 -2.21
N LYS A 16 -4.92 1.12 -1.99
CA LYS A 16 -5.61 -0.06 -2.48
C LYS A 16 -5.73 -0.04 -4.00
N LYS A 17 -5.70 1.14 -4.59
CA LYS A 17 -5.81 1.28 -6.04
C LYS A 17 -4.48 1.00 -6.71
N PHE A 18 -3.40 1.19 -5.99
CA PHE A 18 -2.06 0.95 -6.52
C PHE A 18 -1.71 -0.52 -6.38
N CYS A 19 -1.89 -1.03 -5.17
CA CYS A 19 -1.58 -2.43 -4.89
C CYS A 19 -2.80 -3.32 -5.07
N PHE A 1 5.50 4.67 -6.75
CA PHE A 1 4.99 4.70 -5.37
C PHE A 1 5.81 3.78 -4.48
N ASN A 2 5.50 3.73 -3.20
CA ASN A 2 6.22 2.87 -2.26
C ASN A 2 5.55 1.51 -2.20
N TRP A 3 6.13 0.55 -2.91
CA TRP A 3 5.61 -0.82 -2.97
C TRP A 3 5.58 -1.46 -1.60
N ARG A 4 6.41 -0.97 -0.69
CA ARG A 4 6.47 -1.51 0.67
C ARG A 4 5.16 -1.30 1.38
N CYS A 5 4.44 -0.28 0.96
CA CYS A 5 3.15 0.03 1.55
C CYS A 5 2.19 -1.11 1.30
N CYS A 6 2.37 -1.80 0.19
CA CYS A 6 1.51 -2.91 -0.17
C CYS A 6 1.76 -4.10 0.73
N LEU A 7 2.89 -4.06 1.43
CA LEU A 7 3.25 -5.13 2.36
C LEU A 7 2.78 -4.76 3.76
N ILE A 8 2.34 -3.53 3.90
CA ILE A 8 1.86 -3.01 5.17
C ILE A 8 0.38 -2.67 5.07
N PRO A 9 -0.48 -3.48 5.69
CA PRO A 9 -1.95 -3.30 5.66
C PRO A 9 -2.38 -1.85 5.93
N ALA A 10 -1.63 -1.16 6.78
CA ALA A 10 -1.94 0.22 7.13
C ALA A 10 -1.76 1.16 5.94
N CYS A 11 -0.72 0.93 5.15
CA CYS A 11 -0.43 1.78 4.00
C CYS A 11 -1.15 1.26 2.76
N ARG A 12 -1.31 -0.05 2.69
CA ARG A 12 -1.98 -0.68 1.56
C ARG A 12 -3.46 -0.27 1.53
N ARG A 13 -4.00 -0.05 2.72
CA ARG A 13 -5.40 0.36 2.85
C ARG A 13 -5.65 1.70 2.16
N ASN A 14 -4.64 2.56 2.19
CA ASN A 14 -4.73 3.88 1.58
C ASN A 14 -4.26 3.84 0.12
N HIS A 15 -3.36 2.91 -0.18
CA HIS A 15 -2.82 2.78 -1.53
C HIS A 15 -3.32 1.53 -2.21
N LYS A 16 -4.58 1.20 -1.94
CA LYS A 16 -5.21 0.01 -2.53
C LYS A 16 -5.40 0.17 -4.03
N LYS A 17 -5.30 1.40 -4.51
CA LYS A 17 -5.46 1.69 -5.92
C LYS A 17 -4.16 1.46 -6.67
N PHE A 18 -3.06 1.53 -5.95
CA PHE A 18 -1.75 1.32 -6.53
C PHE A 18 -1.35 -0.15 -6.42
N CYS A 19 -1.60 -0.72 -5.25
CA CYS A 19 -1.27 -2.12 -5.02
C CYS A 19 -2.45 -3.03 -5.36
N PHE A 1 7.25 5.78 -5.79
CA PHE A 1 6.14 5.12 -5.06
C PHE A 1 6.70 4.06 -4.12
N ASN A 2 6.14 3.99 -2.92
CA ASN A 2 6.59 3.02 -1.92
C ASN A 2 5.74 1.75 -2.02
N TRP A 3 6.19 0.80 -2.84
CA TRP A 3 5.48 -0.46 -3.03
C TRP A 3 5.39 -1.23 -1.72
N ARG A 4 6.30 -0.95 -0.81
CA ARG A 4 6.34 -1.62 0.49
C ARG A 4 5.08 -1.33 1.28
N CYS A 5 4.44 -0.23 0.96
CA CYS A 5 3.20 0.14 1.61
C CYS A 5 2.15 -0.94 1.40
N CYS A 6 2.20 -1.57 0.24
CA CYS A 6 1.25 -2.62 -0.10
C CYS A 6 1.54 -3.90 0.68
N LEU A 7 2.68 -3.92 1.35
CA LEU A 7 3.06 -5.07 2.17
C LEU A 7 2.70 -4.78 3.61
N ILE A 8 2.28 -3.54 3.84
CA ILE A 8 1.89 -3.08 5.17
C ILE A 8 0.40 -2.79 5.20
N PRO A 9 -0.37 -3.60 5.95
CA PRO A 9 -1.84 -3.44 6.05
C PRO A 9 -2.29 -2.02 6.38
N ALA A 10 -1.42 -1.24 6.99
CA ALA A 10 -1.75 0.13 7.35
C ALA A 10 -1.59 1.10 6.18
N CYS A 11 -0.60 0.85 5.31
CA CYS A 11 -0.36 1.74 4.18
C CYS A 11 -1.06 1.23 2.92
N ARG A 12 -1.31 -0.07 2.88
CA ARG A 12 -1.98 -0.69 1.74
C ARG A 12 -3.41 -0.17 1.61
N ARG A 13 -3.99 0.19 2.73
CA ARG A 13 -5.36 0.72 2.76
C ARG A 13 -5.48 1.97 1.90
N ASN A 14 -4.43 2.79 1.88
CA ASN A 14 -4.44 4.02 1.11
C ASN A 14 -3.95 3.80 -0.32
N HIS A 15 -3.16 2.76 -0.51
CA HIS A 15 -2.60 2.48 -1.82
C HIS A 15 -3.20 1.20 -2.41
N LYS A 16 -4.41 0.87 -1.97
CA LYS A 16 -5.09 -0.33 -2.46
C LYS A 16 -5.60 -0.12 -3.87
N LYS A 17 -5.53 1.11 -4.34
CA LYS A 17 -5.96 1.45 -5.69
C LYS A 17 -4.92 1.00 -6.69
N PHE A 18 -3.67 1.27 -6.36
CA PHE A 18 -2.55 0.88 -7.20
C PHE A 18 -2.29 -0.60 -7.05
N CYS A 19 -2.25 -1.04 -5.80
CA CYS A 19 -2.00 -2.44 -5.49
C CYS A 19 -3.32 -3.20 -5.35
N PHE A 1 6.41 6.18 -5.60
CA PHE A 1 5.57 5.31 -4.74
C PHE A 1 6.42 4.17 -4.19
N ASN A 2 6.10 3.73 -2.98
CA ASN A 2 6.85 2.64 -2.35
C ASN A 2 5.97 1.39 -2.32
N TRP A 3 6.38 0.38 -3.09
CA TRP A 3 5.64 -0.87 -3.17
C TRP A 3 5.56 -1.58 -1.82
N ARG A 4 6.45 -1.19 -0.91
CA ARG A 4 6.47 -1.79 0.42
C ARG A 4 5.18 -1.51 1.17
N CYS A 5 4.52 -0.45 0.77
CA CYS A 5 3.25 -0.07 1.36
C CYS A 5 2.22 -1.17 1.18
N CYS A 6 2.35 -1.89 0.08
CA CYS A 6 1.42 -2.97 -0.23
C CYS A 6 1.63 -4.15 0.71
N LEU A 7 2.77 -4.16 1.38
CA LEU A 7 3.09 -5.22 2.32
C LEU A 7 2.74 -4.75 3.73
N ILE A 8 2.27 -3.51 3.83
CA ILE A 8 1.88 -2.93 5.10
C ILE A 8 0.41 -2.54 5.05
N PRO A 9 -0.44 -3.31 5.75
CA PRO A 9 -1.89 -3.08 5.78
C PRO A 9 -2.27 -1.63 6.06
N ALA A 10 -1.46 -0.94 6.86
CA ALA A 10 -1.71 0.46 7.20
C ALA A 10 -1.58 1.37 5.98
N CYS A 11 -0.62 1.08 5.11
CA CYS A 11 -0.38 1.89 3.93
C CYS A 11 -1.21 1.37 2.74
N ARG A 12 -1.30 0.06 2.62
CA ARG A 12 -2.06 -0.57 1.53
C ARG A 12 -3.54 -0.20 1.64
N ARG A 13 -3.96 0.10 2.86
CA ARG A 13 -5.34 0.49 3.14
C ARG A 13 -5.73 1.74 2.35
N ASN A 14 -4.78 2.63 2.17
CA ASN A 14 -5.00 3.87 1.44
C ASN A 14 -4.53 3.72 -0.01
N HIS A 15 -3.62 2.80 -0.24
CA HIS A 15 -3.06 2.58 -1.56
C HIS A 15 -3.60 1.31 -2.20
N LYS A 16 -4.89 1.06 -2.01
CA LYS A 16 -5.55 -0.12 -2.57
C LYS A 16 -5.52 -0.09 -4.09
N LYS A 17 -5.68 1.11 -4.65
CA LYS A 17 -5.69 1.30 -6.09
C LYS A 17 -4.33 1.00 -6.70
N PHE A 18 -3.29 1.44 -6.00
CA PHE A 18 -1.92 1.21 -6.46
C PHE A 18 -1.57 -0.26 -6.39
N CYS A 19 -1.82 -0.86 -5.25
CA CYS A 19 -1.52 -2.26 -5.04
C CYS A 19 -2.74 -3.13 -5.35
N PHE A 1 7.48 4.97 -6.43
CA PHE A 1 6.30 4.44 -5.71
C PHE A 1 6.75 3.61 -4.51
N ASN A 2 6.02 3.72 -3.41
CA ASN A 2 6.36 2.98 -2.20
C ASN A 2 5.63 1.64 -2.19
N TRP A 3 6.19 0.67 -2.91
CA TRP A 3 5.60 -0.67 -3.00
C TRP A 3 5.56 -1.34 -1.64
N ARG A 4 6.40 -0.88 -0.73
CA ARG A 4 6.45 -1.43 0.63
C ARG A 4 5.15 -1.21 1.34
N CYS A 5 4.46 -0.16 0.94
CA CYS A 5 3.17 0.17 1.52
C CYS A 5 2.18 -0.97 1.26
N CYS A 6 2.35 -1.63 0.14
CA CYS A 6 1.48 -2.73 -0.24
C CYS A 6 1.73 -3.94 0.63
N LEU A 7 2.84 -3.94 1.34
CA LEU A 7 3.19 -5.03 2.23
C LEU A 7 2.77 -4.68 3.66
N ILE A 8 2.32 -3.44 3.83
CA ILE A 8 1.88 -2.95 5.13
C ILE A 8 0.39 -2.66 5.08
N PRO A 9 -0.41 -3.45 5.80
CA PRO A 9 -1.87 -3.31 5.83
C PRO A 9 -2.33 -1.88 6.13
N ALA A 10 -1.53 -1.15 6.89
CA ALA A 10 -1.85 0.22 7.26
C ALA A 10 -1.71 1.18 6.07
N CYS A 11 -0.76 0.92 5.20
CA CYS A 11 -0.53 1.78 4.04
C CYS A 11 -1.27 1.25 2.81
N ARG A 12 -1.31 -0.07 2.68
CA ARG A 12 -1.98 -0.72 1.54
C ARG A 12 -3.46 -0.35 1.54
N ARG A 13 -4.01 -0.20 2.73
CA ARG A 13 -5.41 0.17 2.89
C ARG A 13 -5.73 1.49 2.20
N ASN A 14 -4.77 2.40 2.22
CA ASN A 14 -4.93 3.70 1.60
C ASN A 14 -4.49 3.67 0.13
N HIS A 15 -3.60 2.75 -0.18
CA HIS A 15 -3.08 2.63 -1.54
C HIS A 15 -3.63 1.38 -2.23
N LYS A 16 -4.89 1.07 -1.96
CA LYS A 16 -5.54 -0.10 -2.53
C LYS A 16 -5.68 0.03 -4.05
N LYS A 17 -5.66 1.26 -4.53
CA LYS A 17 -5.79 1.52 -5.96
C LYS A 17 -4.48 1.26 -6.68
N PHE A 18 -3.40 1.56 -5.99
CA PHE A 18 -2.07 1.37 -6.55
C PHE A 18 -1.63 -0.07 -6.41
N CYS A 19 -1.85 -0.64 -5.24
CA CYS A 19 -1.45 -2.02 -4.97
C CYS A 19 -2.61 -2.97 -5.27
N PHE A 1 5.65 6.02 -5.83
CA PHE A 1 5.06 4.72 -5.45
C PHE A 1 5.97 4.00 -4.48
N ASN A 2 5.39 3.29 -3.52
CA ASN A 2 6.16 2.55 -2.54
C ASN A 2 5.56 1.16 -2.35
N TRP A 3 6.18 0.18 -2.98
CA TRP A 3 5.72 -1.21 -2.94
C TRP A 3 5.68 -1.74 -1.50
N ARG A 4 6.50 -1.15 -0.64
CA ARG A 4 6.56 -1.58 0.75
C ARG A 4 5.24 -1.35 1.44
N CYS A 5 4.55 -0.33 0.98
CA CYS A 5 3.25 0.01 1.54
C CYS A 5 2.26 -1.10 1.24
N CYS A 6 2.49 -1.79 0.14
CA CYS A 6 1.61 -2.88 -0.26
C CYS A 6 1.81 -4.09 0.63
N LEU A 7 2.91 -4.07 1.37
CA LEU A 7 3.23 -5.15 2.30
C LEU A 7 2.78 -4.77 3.70
N ILE A 8 2.30 -3.54 3.82
CA ILE A 8 1.84 -3.01 5.10
C ILE A 8 0.37 -2.63 4.99
N PRO A 9 -0.52 -3.43 5.60
CA PRO A 9 -1.98 -3.19 5.56
C PRO A 9 -2.37 -1.76 5.90
N ALA A 10 -1.58 -1.11 6.76
CA ALA A 10 -1.86 0.25 7.16
C ALA A 10 -1.65 1.24 6.01
N CYS A 11 -0.64 1.00 5.19
CA CYS A 11 -0.35 1.88 4.07
C CYS A 11 -1.11 1.42 2.82
N ARG A 12 -1.27 0.12 2.67
CA ARG A 12 -1.97 -0.44 1.52
C ARG A 12 -3.45 -0.10 1.58
N ARG A 13 -3.96 0.12 2.78
CA ARG A 13 -5.36 0.46 2.96
C ARG A 13 -5.72 1.72 2.16
N ASN A 14 -4.84 2.72 2.21
CA ASN A 14 -5.07 3.96 1.48
C ASN A 14 -4.31 3.94 0.15
N HIS A 15 -3.77 2.79 -0.19
CA HIS A 15 -3.02 2.63 -1.43
C HIS A 15 -3.51 1.38 -2.16
N LYS A 16 -4.77 1.04 -1.92
CA LYS A 16 -5.37 -0.15 -2.53
C LYS A 16 -5.56 0.04 -4.04
N LYS A 17 -5.32 1.25 -4.51
CA LYS A 17 -5.44 1.55 -5.92
C LYS A 17 -4.14 1.25 -6.64
N PHE A 18 -3.04 1.59 -6.00
CA PHE A 18 -1.73 1.35 -6.55
C PHE A 18 -1.33 -0.11 -6.43
N CYS A 19 -1.55 -0.67 -5.24
CA CYS A 19 -1.21 -2.06 -4.99
C CYS A 19 -2.40 -2.98 -5.27
N PHE A 1 7.42 5.46 -6.06
CA PHE A 1 6.26 4.94 -5.29
C PHE A 1 6.75 3.95 -4.24
N ASN A 2 6.16 4.01 -3.05
CA ASN A 2 6.54 3.10 -1.97
C ASN A 2 5.66 1.86 -1.99
N TRP A 3 6.03 0.90 -2.85
CA TRP A 3 5.28 -0.34 -2.99
C TRP A 3 5.27 -1.12 -1.68
N ARG A 4 6.21 -0.79 -0.80
CA ARG A 4 6.32 -1.44 0.50
C ARG A 4 5.06 -1.22 1.32
N CYS A 5 4.39 -0.13 1.04
CA CYS A 5 3.15 0.20 1.72
C CYS A 5 2.13 -0.90 1.50
N CYS A 6 2.18 -1.51 0.33
CA CYS A 6 1.24 -2.57 -0.02
C CYS A 6 1.56 -3.85 0.73
N LEU A 7 2.71 -3.90 1.36
CA LEU A 7 3.12 -5.04 2.15
C LEU A 7 2.72 -4.81 3.60
N ILE A 8 2.32 -3.58 3.87
CA ILE A 8 1.91 -3.17 5.21
C ILE A 8 0.41 -2.90 5.22
N PRO A 9 -0.35 -3.74 5.95
CA PRO A 9 -1.82 -3.62 6.05
C PRO A 9 -2.30 -2.24 6.50
N ALA A 10 -1.39 -1.41 6.97
CA ALA A 10 -1.73 -0.06 7.42
C ALA A 10 -1.60 0.95 6.28
N CYS A 11 -0.63 0.76 5.41
CA CYS A 11 -0.40 1.69 4.30
C CYS A 11 -1.09 1.22 3.02
N ARG A 12 -1.34 -0.09 2.95
CA ARG A 12 -2.00 -0.68 1.78
C ARG A 12 -3.40 -0.12 1.62
N ARG A 13 -4.00 0.29 2.73
CA ARG A 13 -5.34 0.86 2.72
C ARG A 13 -5.44 2.08 1.82
N ASN A 14 -4.40 2.89 1.82
CA ASN A 14 -4.38 4.12 1.01
C ASN A 14 -3.85 3.86 -0.40
N HIS A 15 -3.14 2.76 -0.58
CA HIS A 15 -2.56 2.45 -1.88
C HIS A 15 -3.19 1.18 -2.45
N LYS A 16 -4.41 0.90 -2.03
CA LYS A 16 -5.14 -0.28 -2.48
C LYS A 16 -5.61 -0.11 -3.92
N LYS A 17 -5.62 1.13 -4.39
CA LYS A 17 -6.05 1.42 -5.74
C LYS A 17 -4.93 1.13 -6.73
N PHE A 18 -3.71 1.20 -6.25
CA PHE A 18 -2.55 0.93 -7.08
C PHE A 18 -2.23 -0.56 -6.99
N CYS A 19 -2.19 -1.06 -5.78
CA CYS A 19 -1.89 -2.46 -5.53
C CYS A 19 -3.17 -3.28 -5.46
N PHE A 1 6.86 5.62 -6.02
CA PHE A 1 5.84 5.02 -5.13
C PHE A 1 6.49 3.99 -4.21
N ASN A 2 6.04 3.92 -2.97
CA ASN A 2 6.58 2.96 -2.02
C ASN A 2 5.82 1.64 -2.08
N TRP A 3 6.34 0.72 -2.88
CA TRP A 3 5.71 -0.60 -3.05
C TRP A 3 5.63 -1.35 -1.74
N ARG A 4 6.50 -0.99 -0.80
CA ARG A 4 6.52 -1.63 0.51
C ARG A 4 5.21 -1.42 1.25
N CYS A 5 4.54 -0.35 0.89
CA CYS A 5 3.25 -0.01 1.49
C CYS A 5 2.24 -1.12 1.21
N CYS A 6 2.40 -1.78 0.09
CA CYS A 6 1.50 -2.85 -0.30
C CYS A 6 1.71 -4.09 0.58
N LEU A 7 2.81 -4.10 1.30
CA LEU A 7 3.13 -5.20 2.21
C LEU A 7 2.72 -4.82 3.63
N ILE A 8 2.20 -3.61 3.77
CA ILE A 8 1.77 -3.09 5.06
C ILE A 8 0.29 -2.74 5.01
N PRO A 9 -0.55 -3.53 5.72
CA PRO A 9 -2.01 -3.31 5.76
C PRO A 9 -2.42 -1.90 6.19
N ALA A 10 -1.47 -1.16 6.74
CA ALA A 10 -1.74 0.20 7.19
C ALA A 10 -1.54 1.20 6.05
N CYS A 11 -0.59 0.91 5.16
CA CYS A 11 -0.30 1.82 4.05
C CYS A 11 -1.05 1.38 2.79
N ARG A 12 -1.23 0.07 2.63
CA ARG A 12 -1.94 -0.47 1.48
C ARG A 12 -3.41 -0.07 1.52
N ARG A 13 -3.87 0.23 2.72
CA ARG A 13 -5.26 0.65 2.93
C ARG A 13 -5.58 1.88 2.09
N ASN A 14 -4.68 2.86 2.11
CA ASN A 14 -4.88 4.09 1.35
C ASN A 14 -4.20 3.99 -0.01
N HIS A 15 -3.75 2.79 -0.35
CA HIS A 15 -3.08 2.53 -1.62
C HIS A 15 -3.68 1.30 -2.26
N LYS A 16 -4.95 1.05 -1.95
CA LYS A 16 -5.67 -0.11 -2.46
C LYS A 16 -5.80 -0.08 -3.97
N LYS A 17 -5.72 1.11 -4.55
CA LYS A 17 -5.82 1.25 -6.00
C LYS A 17 -4.50 0.93 -6.67
N PHE A 18 -3.42 1.31 -6.03
CA PHE A 18 -2.08 1.06 -6.56
C PHE A 18 -1.71 -0.40 -6.40
N CYS A 19 -1.91 -0.92 -5.19
CA CYS A 19 -1.58 -2.31 -4.90
C CYS A 19 -2.79 -3.21 -5.10
N PHE A 1 6.98 5.47 -6.11
CA PHE A 1 5.96 4.92 -5.18
C PHE A 1 6.60 3.90 -4.26
N ASN A 2 6.14 3.84 -3.01
CA ASN A 2 6.67 2.89 -2.05
C ASN A 2 5.89 1.59 -2.11
N TRP A 3 6.41 0.63 -2.88
CA TRP A 3 5.76 -0.67 -3.06
C TRP A 3 5.64 -1.40 -1.73
N ARG A 4 6.50 -1.05 -0.78
CA ARG A 4 6.49 -1.67 0.53
C ARG A 4 5.19 -1.41 1.26
N CYS A 5 4.53 -0.34 0.86
CA CYS A 5 3.25 0.04 1.44
C CYS A 5 2.23 -1.07 1.20
N CYS A 6 2.37 -1.75 0.08
CA CYS A 6 1.45 -2.83 -0.28
C CYS A 6 1.68 -4.04 0.62
N LEU A 7 2.80 -4.06 1.32
CA LEU A 7 3.12 -5.14 2.25
C LEU A 7 2.69 -4.74 3.65
N ILE A 8 2.30 -3.49 3.79
CA ILE A 8 1.86 -2.95 5.07
C ILE A 8 0.37 -2.61 5.00
N PRO A 9 -0.46 -3.41 5.69
CA PRO A 9 -1.92 -3.21 5.71
C PRO A 9 -2.35 -1.77 5.98
N ALA A 10 -1.55 -1.05 6.76
CA ALA A 10 -1.85 0.34 7.09
C ALA A 10 -1.67 1.26 5.88
N CYS A 11 -0.67 0.99 5.06
CA CYS A 11 -0.41 1.82 3.89
C CYS A 11 -1.19 1.31 2.68
N ARG A 12 -1.34 -0.01 2.60
CA ARG A 12 -2.07 -0.63 1.50
C ARG A 12 -3.54 -0.25 1.57
N ARG A 13 -3.99 0.05 2.78
CA ARG A 13 -5.37 0.44 3.02
C ARG A 13 -5.73 1.69 2.22
N ASN A 14 -4.78 2.63 2.18
CA ASN A 14 -4.98 3.88 1.45
C ASN A 14 -4.50 3.74 0.00
N HIS A 15 -3.57 2.84 -0.23
CA HIS A 15 -3.02 2.65 -1.56
C HIS A 15 -3.54 1.36 -2.19
N LYS A 16 -4.78 1.01 -1.86
CA LYS A 16 -5.42 -0.19 -2.39
C LYS A 16 -5.66 -0.08 -3.89
N LYS A 17 -5.67 1.15 -4.39
CA LYS A 17 -5.89 1.39 -5.80
C LYS A 17 -4.62 1.19 -6.61
N PHE A 18 -3.49 1.35 -5.94
CA PHE A 18 -2.20 1.18 -6.58
C PHE A 18 -1.74 -0.27 -6.45
N CYS A 19 -1.92 -0.83 -5.27
CA CYS A 19 -1.51 -2.21 -5.01
C CYS A 19 -2.67 -3.16 -5.28
#